data_6IIR
#
_entry.id   6IIR
#
_cell.length_a   33.554
_cell.length_b   33.554
_cell.length_c   197.913
_cell.angle_alpha   90.00
_cell.angle_beta   90.00
_cell.angle_gamma   120.00
#
_symmetry.space_group_name_H-M   'P 31'
#
loop_
_entity.id
_entity.type
_entity.pdbx_description
1 polymer 'Hepatoma-derived growth factor-related protein 3'
2 polymer '10-bp GC-rich DNA'
3 water water
#
loop_
_entity_poly.entity_id
_entity_poly.type
_entity_poly.pdbx_seq_one_letter_code
_entity_poly.pdbx_strand_id
1 'polypeptide(L)'
;SMARPRPREYKAGDLVFAKMKGYPHWPARIDELPEGAVKPPANKYPIFFFGTHETAFLGPKDLFPYKEYKDKFGKSNKRK
GFNEGLWEIENNPGVKFTGY
;
A,B
2 'polydeoxyribonucleotide' (DG)(DC)(DG)(DC)(DG)(DC)(DG)(DC)(DG)(DC) C,D
#
loop_
_chem_comp.id
_chem_comp.type
_chem_comp.name
_chem_comp.formula
DC DNA linking 2'-DEOXYCYTIDINE-5'-MONOPHOSPHATE 'C9 H14 N3 O7 P'
DG DNA linking 2'-DEOXYGUANOSINE-5'-MONOPHOSPHATE 'C10 H14 N5 O7 P'
#
# COMPACT_ATOMS: atom_id res chain seq x y z
N ALA A 3 -13.37 8.73 -19.33
CA ALA A 3 -12.19 7.87 -19.42
C ALA A 3 -12.35 6.82 -20.52
N ARG A 4 -11.67 7.02 -21.64
CA ARG A 4 -11.74 6.07 -22.75
C ARG A 4 -11.36 4.66 -22.31
N PRO A 5 -12.31 3.73 -22.41
CA PRO A 5 -12.06 2.36 -21.96
C PRO A 5 -10.92 1.68 -22.71
N ARG A 6 -10.23 0.80 -22.00
CA ARG A 6 -9.35 -0.15 -22.62
C ARG A 6 -10.22 -1.16 -23.33
N PRO A 7 -9.74 -1.70 -24.45
CA PRO A 7 -10.54 -2.59 -25.27
C PRO A 7 -10.97 -3.83 -24.48
N ARG A 8 -11.98 -4.54 -24.99
CA ARG A 8 -12.49 -5.74 -24.34
C ARG A 8 -12.20 -6.97 -25.21
N GLU A 9 -11.77 -6.72 -26.43
CA GLU A 9 -11.32 -7.79 -27.29
C GLU A 9 -10.13 -7.33 -28.10
N TYR A 10 -9.19 -8.25 -28.33
CA TYR A 10 -7.99 -7.95 -29.07
C TYR A 10 -7.92 -8.89 -30.27
N LYS A 11 -6.97 -8.66 -31.18
CA LYS A 11 -6.79 -9.53 -32.33
C LYS A 11 -5.33 -9.87 -32.52
N ALA A 12 -5.08 -11.00 -33.16
CA ALA A 12 -3.73 -11.46 -33.44
C ALA A 12 -2.90 -10.31 -34.00
N GLY A 13 -1.75 -10.08 -33.37
CA GLY A 13 -0.80 -9.11 -33.89
C GLY A 13 -0.73 -7.79 -33.16
N ASP A 14 -1.76 -7.47 -32.38
CA ASP A 14 -1.78 -6.21 -31.65
C ASP A 14 -0.61 -6.15 -30.68
N LEU A 15 -0.03 -4.96 -30.52
CA LEU A 15 1.06 -4.76 -29.58
C LEU A 15 0.48 -4.14 -28.33
N VAL A 16 0.88 -4.69 -27.18
CA VAL A 16 0.35 -4.25 -25.90
C VAL A 16 1.41 -4.26 -24.81
N PHE A 17 1.02 -3.76 -23.65
CA PHE A 17 1.78 -4.01 -22.44
C PHE A 17 0.97 -5.01 -21.68
N ALA A 18 1.59 -6.08 -21.22
CA ALA A 18 0.85 -7.08 -20.44
C ALA A 18 1.30 -7.12 -18.99
N LYS A 19 0.35 -7.46 -18.12
CA LYS A 19 0.56 -7.43 -16.68
C LYS A 19 0.45 -8.82 -16.05
N MET A 20 1.49 -9.22 -15.33
CA MET A 20 1.45 -10.42 -14.50
C MET A 20 1.94 -10.05 -13.11
N LYS A 21 1.43 -10.70 -12.08
CA LYS A 21 1.83 -10.34 -10.73
C LYS A 21 3.33 -10.57 -10.58
N GLY A 22 4.01 -9.58 -9.98
CA GLY A 22 5.43 -9.70 -9.73
C GLY A 22 6.27 -9.02 -10.81
N TYR A 23 5.65 -8.76 -11.94
CA TYR A 23 6.34 -8.15 -13.07
C TYR A 23 5.69 -6.83 -13.42
N PRO A 24 6.49 -5.84 -13.86
CA PRO A 24 5.93 -4.56 -14.33
C PRO A 24 5.20 -4.74 -15.64
N HIS A 25 4.31 -3.81 -15.99
CA HIS A 25 3.66 -3.85 -17.29
C HIS A 25 4.70 -4.08 -18.41
N TRP A 26 4.55 -5.20 -19.10
CA TRP A 26 5.61 -5.73 -19.94
C TRP A 26 5.26 -5.71 -21.41
N PRO A 27 6.17 -5.18 -22.25
CA PRO A 27 5.93 -5.08 -23.69
C PRO A 27 5.62 -6.44 -24.28
N ALA A 28 4.53 -6.54 -25.02
CA ALA A 28 4.01 -7.84 -25.40
C ALA A 28 3.15 -7.79 -26.67
N ARG A 29 2.66 -8.96 -27.08
CA ARG A 29 1.92 -9.09 -28.34
C ARG A 29 0.82 -10.15 -28.24
N ILE A 30 -0.31 -9.90 -28.87
CA ILE A 30 -1.38 -10.90 -29.01
C ILE A 30 -1.04 -11.88 -30.11
N ASP A 31 -0.82 -13.14 -29.75
CA ASP A 31 -0.50 -14.16 -30.76
C ASP A 31 -1.77 -14.63 -31.43
N GLU A 32 -1.60 -15.31 -32.55
CA GLU A 32 -2.69 -15.99 -33.22
C GLU A 32 -3.24 -17.08 -32.32
N LEU A 33 -4.53 -17.37 -32.44
CA LEU A 33 -5.06 -18.61 -31.89
C LEU A 33 -5.36 -19.57 -33.02
N PRO A 34 -4.44 -20.50 -33.29
CA PRO A 34 -4.79 -21.38 -34.41
C PRO A 34 -6.01 -22.24 -34.12
N GLU A 35 -6.82 -22.33 -35.16
CA GLU A 35 -7.62 -23.49 -35.41
C GLU A 35 -6.81 -24.76 -35.16
N GLY A 36 -7.47 -25.75 -34.57
CA GLY A 36 -6.85 -27.07 -34.45
C GLY A 36 -6.48 -27.43 -33.03
N ALA A 37 -6.39 -26.41 -32.16
CA ALA A 37 -5.96 -26.65 -30.80
C ALA A 37 -7.05 -26.80 -29.76
N VAL A 38 -6.61 -27.10 -28.56
CA VAL A 38 -7.46 -27.09 -27.40
C VAL A 38 -7.92 -25.66 -27.19
N LYS A 39 -9.21 -25.51 -26.90
CA LYS A 39 -9.81 -24.20 -26.76
C LYS A 39 -9.35 -23.53 -25.48
N PRO A 40 -8.91 -22.26 -25.59
CA PRO A 40 -8.42 -21.51 -24.42
C PRO A 40 -9.54 -21.26 -23.43
N PRO A 41 -9.17 -20.78 -22.23
CA PRO A 41 -10.16 -20.27 -21.28
C PRO A 41 -10.99 -19.19 -21.96
N ALA A 42 -12.19 -18.95 -21.49
CA ALA A 42 -13.02 -17.99 -22.13
C ALA A 42 -12.37 -16.64 -22.06
N ASN A 43 -12.44 -15.91 -23.14
CA ASN A 43 -12.00 -14.53 -23.15
C ASN A 43 -10.62 -14.31 -22.58
N LYS A 44 -9.73 -15.24 -22.82
CA LYS A 44 -8.37 -15.11 -22.40
C LYS A 44 -7.60 -15.13 -23.68
N TYR A 45 -6.58 -14.29 -23.78
CA TYR A 45 -5.82 -14.15 -25.03
C TYR A 45 -4.40 -14.70 -24.95
N PRO A 46 -3.90 -15.26 -26.06
CA PRO A 46 -2.55 -15.80 -26.16
C PRO A 46 -1.48 -14.73 -26.23
N ILE A 47 -0.72 -14.63 -25.15
CA ILE A 47 0.28 -13.58 -25.02
C ILE A 47 1.71 -14.04 -25.29
N PHE A 48 2.45 -13.23 -26.07
CA PHE A 48 3.90 -13.39 -26.31
C PHE A 48 4.67 -12.20 -25.71
N PHE A 49 5.46 -12.45 -24.67
CA PHE A 49 6.22 -11.36 -24.07
C PHE A 49 7.49 -11.09 -24.87
N PHE A 50 7.75 -9.83 -25.22
CA PHE A 50 8.98 -9.48 -25.92
C PHE A 50 10.18 -9.55 -24.98
N GLY A 51 11.36 -9.78 -25.52
CA GLY A 51 12.56 -9.88 -24.72
C GLY A 51 12.77 -11.27 -24.16
N THR A 52 11.73 -11.82 -23.55
CA THR A 52 11.83 -13.13 -22.93
C THR A 52 11.33 -14.22 -23.88
N HIS A 53 10.31 -13.89 -24.66
CA HIS A 53 9.64 -14.81 -25.58
C HIS A 53 8.85 -15.85 -24.78
N GLU A 54 8.60 -15.56 -23.51
CA GLU A 54 7.71 -16.37 -22.71
C GLU A 54 6.30 -16.15 -23.20
N THR A 55 5.38 -17.04 -22.83
CA THR A 55 4.00 -16.92 -23.27
C THR A 55 3.01 -17.18 -22.13
N ALA A 56 1.81 -16.63 -22.26
CA ALA A 56 0.72 -16.96 -21.36
C ALA A 56 -0.62 -16.54 -21.93
N PHE A 57 -1.67 -16.81 -21.16
CA PHE A 57 -2.98 -16.35 -21.54
C PHE A 57 -3.42 -15.32 -20.55
N LEU A 58 -3.96 -14.22 -21.07
CA LEU A 58 -4.45 -13.11 -20.25
C LEU A 58 -5.72 -12.53 -20.83
N GLY A 59 -6.53 -11.92 -19.97
CA GLY A 59 -7.73 -11.23 -20.41
C GLY A 59 -7.51 -9.72 -20.49
N PRO A 60 -8.34 -9.02 -21.28
CA PRO A 60 -8.31 -7.57 -21.54
C PRO A 60 -8.03 -6.70 -20.31
N LYS A 61 -8.50 -7.16 -19.16
CA LYS A 61 -8.26 -6.50 -17.87
C LYS A 61 -6.77 -6.26 -17.61
N ASP A 62 -5.92 -7.10 -18.19
CA ASP A 62 -4.48 -6.97 -17.98
C ASP A 62 -3.73 -6.50 -19.21
N LEU A 63 -4.46 -6.11 -20.25
CA LEU A 63 -3.79 -5.66 -21.45
C LEU A 63 -4.00 -4.16 -21.71
N PHE A 64 -2.96 -3.54 -22.24
CA PHE A 64 -2.92 -2.12 -22.50
C PHE A 64 -2.34 -1.85 -23.87
N PRO A 65 -3.10 -1.24 -24.77
CA PRO A 65 -2.60 -0.88 -26.10
C PRO A 65 -1.23 -0.20 -26.05
N TYR A 66 -0.31 -0.62 -26.91
CA TYR A 66 1.10 -0.18 -26.80
C TYR A 66 1.23 1.32 -26.86
N LYS A 67 0.86 1.91 -27.99
CA LYS A 67 1.03 3.35 -28.17
C LYS A 67 0.35 4.20 -27.09
N GLU A 68 -0.93 3.91 -26.84
CA GLU A 68 -1.74 4.68 -25.88
C GLU A 68 -1.14 4.72 -24.49
N TYR A 69 -0.62 3.58 -24.06
CA TYR A 69 -0.13 3.45 -22.70
C TYR A 69 1.40 3.39 -22.68
N LYS A 70 2.01 3.74 -23.80
CA LYS A 70 3.45 3.65 -23.94
C LYS A 70 4.24 4.37 -22.86
N ASP A 71 3.96 5.65 -22.67
CA ASP A 71 4.87 6.42 -21.85
C ASP A 71 4.57 6.29 -20.35
N LYS A 72 3.42 5.74 -20.02
CA LYS A 72 3.20 5.36 -18.62
C LYS A 72 4.01 4.07 -18.30
N PHE A 73 4.31 3.28 -19.33
CA PHE A 73 4.87 1.95 -19.10
C PHE A 73 6.20 1.63 -19.78
N GLY A 74 6.59 2.49 -20.73
CA GLY A 74 7.75 2.21 -21.56
C GLY A 74 9.10 2.63 -21.00
N LYS A 75 9.13 3.01 -19.73
CA LYS A 75 10.36 3.44 -19.08
C LYS A 75 11.25 2.25 -18.75
N SER A 76 12.55 2.44 -18.94
CA SER A 76 13.53 1.38 -18.71
C SER A 76 13.44 0.80 -17.30
N ASN A 77 13.80 -0.46 -17.17
CA ASN A 77 13.72 -1.14 -15.88
C ASN A 77 14.65 -2.34 -15.96
N LYS A 78 15.16 -2.80 -14.81
CA LYS A 78 16.27 -3.76 -14.81
C LYS A 78 15.91 -5.25 -14.80
N ARG A 79 14.62 -5.58 -14.74
CA ARG A 79 14.19 -6.97 -14.79
C ARG A 79 14.71 -7.64 -16.07
N LYS A 80 15.26 -8.84 -15.95
CA LYS A 80 15.94 -9.49 -17.06
C LYS A 80 15.03 -9.60 -18.29
N GLY A 81 15.52 -9.12 -19.42
CA GLY A 81 14.73 -9.13 -20.65
C GLY A 81 13.84 -7.92 -20.92
N PHE A 82 13.60 -7.06 -19.95
CA PHE A 82 12.68 -5.93 -20.16
C PHE A 82 13.18 -4.95 -21.21
N ASN A 83 14.42 -4.49 -21.05
CA ASN A 83 14.98 -3.52 -21.96
C ASN A 83 15.15 -4.13 -23.33
N GLU A 84 15.32 -5.45 -23.37
CA GLU A 84 15.38 -6.16 -24.65
C GLU A 84 14.00 -6.19 -25.29
N GLY A 85 12.96 -6.19 -24.46
CA GLY A 85 11.60 -6.22 -24.97
C GLY A 85 11.19 -4.89 -25.55
N LEU A 86 11.59 -3.82 -24.87
CA LEU A 86 11.40 -2.47 -25.36
C LEU A 86 11.97 -2.34 -26.76
N TRP A 87 13.12 -2.96 -26.95
CA TRP A 87 13.79 -2.92 -28.23
C TRP A 87 12.94 -3.65 -29.26
N GLU A 88 12.64 -4.92 -28.99
CA GLU A 88 11.95 -5.76 -29.96
C GLU A 88 10.58 -5.20 -30.40
N ILE A 89 9.86 -4.57 -29.49
CA ILE A 89 8.49 -4.19 -29.78
C ILE A 89 8.46 -3.05 -30.78
N GLU A 90 9.58 -2.33 -30.85
CA GLU A 90 9.75 -1.26 -31.83
C GLU A 90 10.35 -1.76 -33.15
N ASN A 91 11.43 -2.54 -33.06
CA ASN A 91 12.29 -2.84 -34.22
C ASN A 91 12.09 -4.21 -34.85
N ASN A 92 11.41 -5.11 -34.14
CA ASN A 92 11.21 -6.47 -34.64
C ASN A 92 9.97 -7.08 -34.03
N PRO A 93 8.82 -6.40 -34.16
CA PRO A 93 7.64 -6.76 -33.36
C PRO A 93 7.04 -8.10 -33.75
N GLY A 94 7.51 -8.66 -34.87
CA GLY A 94 6.95 -9.88 -35.39
C GLY A 94 7.70 -11.16 -35.08
N VAL A 95 8.70 -11.09 -34.20
CA VAL A 95 9.46 -12.29 -33.82
C VAL A 95 8.48 -13.39 -33.53
N LYS A 96 8.67 -14.52 -34.21
CA LYS A 96 7.87 -15.70 -33.96
C LYS A 96 6.39 -15.43 -34.11
N PHE A 97 6.03 -14.43 -34.93
CA PHE A 97 4.60 -14.22 -35.15
C PHE A 97 4.08 -15.07 -36.29
N THR A 98 3.18 -15.98 -35.91
CA THR A 98 2.61 -16.99 -36.80
C THR A 98 1.33 -16.51 -37.42
N GLY A 99 0.65 -15.59 -36.72
CA GLY A 99 -0.63 -15.08 -37.14
C GLY A 99 -0.72 -14.81 -38.63
N TYR A 100 0.14 -13.91 -39.10
CA TYR A 100 0.19 -13.58 -40.51
C TYR A 100 1.56 -13.09 -40.88
N MET B 2 -27.56 2.97 25.17
CA MET B 2 -26.68 3.59 26.15
C MET B 2 -25.23 3.14 25.93
N ALA B 3 -24.31 4.09 26.09
CA ALA B 3 -22.89 3.85 25.81
C ALA B 3 -21.99 4.73 26.69
N ARG B 4 -20.99 4.12 27.33
CA ARG B 4 -20.12 4.84 28.29
C ARG B 4 -19.28 5.93 27.65
N PRO B 5 -19.33 7.14 28.21
CA PRO B 5 -18.50 8.23 27.71
C PRO B 5 -17.02 8.01 27.97
N ARG B 6 -16.21 8.22 26.94
CA ARG B 6 -14.79 8.40 27.15
C ARG B 6 -14.61 9.62 28.03
N PRO B 7 -13.57 9.61 28.87
CA PRO B 7 -13.30 10.75 29.75
C PRO B 7 -13.12 12.06 28.97
N ARG B 8 -13.50 13.19 29.58
CA ARG B 8 -13.32 14.51 28.96
C ARG B 8 -12.15 15.20 29.67
N GLU B 9 -11.70 14.58 30.76
CA GLU B 9 -10.49 15.01 31.46
C GLU B 9 -9.53 13.85 31.64
N TYR B 10 -8.23 14.13 31.51
CA TYR B 10 -7.21 13.10 31.69
C TYR B 10 -6.18 13.57 32.70
N LYS B 11 -5.52 12.63 33.36
CA LYS B 11 -4.55 12.97 34.41
C LYS B 11 -3.13 12.52 34.02
N ALA B 12 -2.14 13.36 34.34
CA ALA B 12 -0.74 13.01 34.05
C ALA B 12 -0.47 11.59 34.47
N GLY B 13 0.08 10.80 33.57
CA GLY B 13 0.36 9.43 33.91
C GLY B 13 -0.60 8.43 33.31
N ASP B 14 -1.77 8.91 32.90
CA ASP B 14 -2.77 8.01 32.34
C ASP B 14 -2.28 7.36 31.04
N LEU B 15 -2.65 6.09 30.82
CA LEU B 15 -2.27 5.38 29.60
C LEU B 15 -3.46 5.28 28.66
N VAL B 16 -3.20 5.54 27.38
CA VAL B 16 -4.25 5.68 26.39
C VAL B 16 -3.81 5.14 25.04
N PHE B 17 -4.78 4.99 24.12
CA PHE B 17 -4.50 4.97 22.70
C PHE B 17 -4.77 6.35 22.17
N ALA B 18 -3.80 6.97 21.50
CA ALA B 18 -4.05 8.29 20.92
C ALA B 18 -4.20 8.19 19.41
N LYS B 19 -5.18 8.90 18.87
CA LYS B 19 -5.42 8.88 17.44
C LYS B 19 -4.87 10.13 16.79
N MET B 20 -4.09 9.96 15.73
CA MET B 20 -3.63 11.08 14.94
C MET B 20 -3.97 10.82 13.48
N LYS B 21 -4.27 11.90 12.78
CA LYS B 21 -4.55 11.86 11.35
C LYS B 21 -3.49 11.06 10.59
N GLY B 22 -3.91 9.96 9.97
CA GLY B 22 -3.02 9.20 9.11
C GLY B 22 -2.37 8.02 9.81
N TYR B 23 -2.51 7.97 11.13
CA TYR B 23 -1.93 6.89 11.91
C TYR B 23 -3.01 6.06 12.58
N PRO B 24 -2.75 4.75 12.74
CA PRO B 24 -3.65 3.94 13.57
C PRO B 24 -3.79 4.48 15.01
N HIS B 25 -4.91 4.22 15.67
CA HIS B 25 -5.01 4.43 17.11
C HIS B 25 -3.74 3.89 17.73
N TRP B 26 -3.12 4.65 18.63
CA TRP B 26 -1.73 4.34 19.01
C TRP B 26 -1.45 4.43 20.50
N PRO B 27 -0.75 3.42 21.04
CA PRO B 27 -0.38 3.31 22.46
C PRO B 27 0.36 4.53 22.96
N ALA B 28 -0.17 5.17 24.00
CA ALA B 28 0.38 6.44 24.41
C ALA B 28 0.08 6.78 25.86
N ARG B 29 0.55 7.94 26.29
CA ARG B 29 0.51 8.33 27.70
C ARG B 29 0.31 9.83 27.88
N ILE B 30 -0.48 10.21 28.88
CA ILE B 30 -0.58 11.62 29.30
C ILE B 30 0.60 12.06 30.14
N ASP B 31 1.38 13.00 29.61
CA ASP B 31 2.47 13.60 30.38
C ASP B 31 1.99 14.75 31.27
N GLU B 32 2.87 15.18 32.15
CA GLU B 32 2.58 16.31 33.01
C GLU B 32 2.65 17.58 32.18
N LEU B 33 1.92 18.60 32.60
CA LEU B 33 2.14 19.93 32.08
C LEU B 33 2.57 20.83 33.21
N PRO B 34 3.89 20.93 33.46
CA PRO B 34 4.31 21.67 34.65
C PRO B 34 4.20 23.16 34.44
N GLU B 35 3.88 23.86 35.52
CA GLU B 35 3.83 25.31 35.49
C GLU B 35 5.22 25.78 35.11
N GLY B 36 5.33 27.04 34.68
CA GLY B 36 6.62 27.57 34.27
C GLY B 36 6.83 27.51 32.77
N ALA B 37 5.94 26.80 32.07
CA ALA B 37 6.00 26.71 30.61
C ALA B 37 4.99 27.63 29.90
N VAL B 38 5.12 27.75 28.58
CA VAL B 38 4.05 28.32 27.77
C VAL B 38 2.80 27.46 27.96
N LYS B 39 1.69 28.11 28.29
CA LYS B 39 0.44 27.40 28.57
C LYS B 39 -0.02 26.64 27.32
N PRO B 40 -0.60 25.45 27.51
CA PRO B 40 -1.04 24.68 26.35
C PRO B 40 -2.28 25.31 25.73
N PRO B 41 -2.62 24.89 24.51
CA PRO B 41 -3.93 25.32 24.01
C PRO B 41 -5.01 24.74 24.91
N ALA B 42 -6.17 25.37 24.93
CA ALA B 42 -7.30 24.97 25.76
C ALA B 42 -7.65 23.50 25.58
N ASN B 43 -7.95 22.80 26.69
CA ASN B 43 -8.46 21.41 26.65
C ASN B 43 -7.70 20.44 25.77
N LYS B 44 -6.40 20.66 25.60
CA LYS B 44 -5.54 19.68 24.94
C LYS B 44 -4.54 19.17 25.96
N TYR B 45 -4.10 17.92 25.81
CA TYR B 45 -3.17 17.31 26.74
C TYR B 45 -1.86 16.96 26.03
N PRO B 46 -0.75 16.97 26.77
CA PRO B 46 0.53 16.57 26.18
C PRO B 46 0.62 15.07 26.03
N ILE B 47 0.84 14.61 24.81
CA ILE B 47 0.80 13.17 24.57
C ILE B 47 2.17 12.60 24.28
N PHE B 48 2.48 11.48 24.95
CA PHE B 48 3.71 10.71 24.71
C PHE B 48 3.39 9.41 23.98
N PHE B 49 3.94 9.23 22.78
CA PHE B 49 3.69 8.02 21.99
C PHE B 49 4.75 6.95 22.22
N PHE B 50 4.34 5.79 22.71
CA PHE B 50 5.32 4.70 22.89
C PHE B 50 5.88 4.20 21.56
N GLY B 51 7.06 3.60 21.60
CA GLY B 51 7.67 3.08 20.40
C GLY B 51 8.48 4.08 19.60
N THR B 52 7.84 5.20 19.27
CA THR B 52 8.46 6.29 18.51
C THR B 52 9.05 7.33 19.47
N HIS B 53 8.39 7.46 20.62
CA HIS B 53 8.69 8.49 21.59
C HIS B 53 8.43 9.90 21.03
N GLU B 54 7.64 10.00 19.95
CA GLU B 54 7.19 11.31 19.47
C GLU B 54 6.30 11.96 20.51
N THR B 55 6.04 13.26 20.37
CA THR B 55 5.07 13.94 21.23
C THR B 55 4.16 14.90 20.46
N ALA B 56 3.04 15.26 21.09
CA ALA B 56 2.09 16.22 20.54
C ALA B 56 1.05 16.56 21.59
N PHE B 57 0.17 17.49 21.23
CA PHE B 57 -0.99 17.83 22.03
C PHE B 57 -2.26 17.39 21.32
N LEU B 58 -3.16 16.74 22.07
CA LEU B 58 -4.43 16.24 21.55
C LEU B 58 -5.51 16.35 22.61
N GLY B 59 -6.78 16.46 22.17
CA GLY B 59 -7.90 16.62 23.09
C GLY B 59 -8.63 15.30 23.30
N PRO B 60 -9.45 15.22 24.37
CA PRO B 60 -10.17 14.03 24.86
C PRO B 60 -10.85 13.20 23.79
N LYS B 61 -11.28 13.86 22.72
CA LYS B 61 -11.97 13.22 21.61
C LYS B 61 -11.04 12.27 20.84
N ASP B 62 -9.74 12.51 20.95
CA ASP B 62 -8.78 11.66 20.24
C ASP B 62 -8.04 10.74 21.21
N LEU B 63 -8.52 10.64 22.44
CA LEU B 63 -7.90 9.75 23.41
C LEU B 63 -8.88 8.69 23.88
N PHE B 64 -8.35 7.49 24.09
CA PHE B 64 -9.15 6.34 24.49
C PHE B 64 -8.41 5.63 25.62
N PRO B 65 -9.03 5.50 26.82
CA PRO B 65 -8.45 4.77 27.96
C PRO B 65 -7.88 3.41 27.56
N TYR B 66 -6.67 3.10 28.00
CA TYR B 66 -5.93 1.97 27.42
C TYR B 66 -6.56 0.62 27.66
N LYS B 67 -6.76 0.24 28.92
CA LYS B 67 -7.30 -1.11 29.21
C LYS B 67 -8.62 -1.38 28.53
N GLU B 68 -9.51 -0.39 28.68
CA GLU B 68 -10.86 -0.47 28.17
C GLU B 68 -10.85 -0.72 26.67
N TYR B 69 -9.98 -0.01 25.96
CA TYR B 69 -10.01 -0.08 24.52
C TYR B 69 -8.92 -0.99 24.01
N LYS B 70 -8.27 -1.69 24.93
CA LYS B 70 -7.13 -2.51 24.56
C LYS B 70 -7.42 -3.49 23.45
N ASP B 71 -8.51 -4.23 23.57
CA ASP B 71 -8.68 -5.28 22.59
C ASP B 71 -9.08 -4.71 21.22
N LYS B 72 -9.82 -3.61 21.16
CA LYS B 72 -10.17 -3.06 19.85
C LYS B 72 -8.95 -2.51 19.08
N PHE B 73 -7.94 -2.00 19.78
CA PHE B 73 -6.82 -1.32 19.10
C PHE B 73 -5.47 -1.97 19.31
N GLY B 74 -5.42 -2.97 20.18
CA GLY B 74 -4.16 -3.54 20.62
C GLY B 74 -3.49 -4.61 19.77
N LYS B 75 -4.04 -4.93 18.61
CA LYS B 75 -3.42 -5.99 17.82
C LYS B 75 -2.31 -5.44 16.96
N SER B 76 -1.42 -6.34 16.55
CA SER B 76 -0.22 -5.91 15.87
C SER B 76 -0.52 -5.09 14.64
N ASN B 77 0.42 -4.19 14.36
CA ASN B 77 0.33 -3.28 13.24
C ASN B 77 1.77 -3.05 12.83
N LYS B 78 2.01 -2.83 11.55
CA LYS B 78 3.38 -2.86 11.07
C LYS B 78 3.94 -1.46 10.77
N ARG B 79 3.24 -0.42 11.23
CA ARG B 79 3.77 0.94 11.21
C ARG B 79 4.98 0.99 12.13
N LYS B 80 5.98 1.78 11.75
CA LYS B 80 7.26 1.74 12.47
C LYS B 80 7.10 2.13 13.94
N GLY B 81 7.55 1.27 14.84
CA GLY B 81 7.45 1.54 16.25
C GLY B 81 6.11 1.17 16.91
N PHE B 82 5.17 0.63 16.16
CA PHE B 82 3.88 0.28 16.78
C PHE B 82 3.98 -0.84 17.78
N ASN B 83 4.43 -1.99 17.28
CA ASN B 83 4.61 -3.17 18.10
C ASN B 83 5.62 -2.91 19.21
N GLU B 84 6.60 -2.04 18.96
CA GLU B 84 7.53 -1.62 20.02
C GLU B 84 6.78 -0.81 21.07
N GLY B 85 5.68 -0.19 20.67
CA GLY B 85 4.89 0.60 21.59
C GLY B 85 3.99 -0.26 22.45
N LEU B 86 3.27 -1.18 21.80
CA LEU B 86 2.51 -2.20 22.51
C LEU B 86 3.33 -2.83 23.64
N TRP B 87 4.57 -3.12 23.32
CA TRP B 87 5.49 -3.68 24.27
C TRP B 87 5.71 -2.72 25.43
N GLU B 88 6.11 -1.50 25.10
CA GLU B 88 6.44 -0.52 26.13
C GLU B 88 5.25 -0.19 27.04
N ILE B 89 4.05 -0.16 26.49
CA ILE B 89 2.93 0.38 27.26
C ILE B 89 2.60 -0.59 28.39
N GLU B 90 3.00 -1.85 28.22
CA GLU B 90 2.83 -2.89 29.24
C GLU B 90 4.01 -3.01 30.21
N ASN B 91 5.22 -2.98 29.66
CA ASN B 91 6.41 -3.39 30.39
C ASN B 91 7.28 -2.24 30.94
N ASN B 92 7.24 -1.10 30.26
CA ASN B 92 8.07 0.02 30.65
C ASN B 92 7.32 1.33 30.45
N PRO B 93 6.07 1.41 30.96
CA PRO B 93 5.18 2.48 30.50
C PRO B 93 5.56 3.88 30.98
N GLY B 94 6.48 3.93 31.95
CA GLY B 94 6.88 5.19 32.53
C GLY B 94 8.14 5.74 31.91
N VAL B 95 8.51 5.16 30.77
CA VAL B 95 9.74 5.56 30.12
C VAL B 95 9.69 7.06 29.84
N LYS B 96 10.75 7.73 30.27
CA LYS B 96 10.85 9.17 30.16
C LYS B 96 9.71 9.93 30.86
N PHE B 97 9.02 9.29 31.81
CA PHE B 97 7.91 9.98 32.48
C PHE B 97 8.43 10.85 33.60
N THR B 98 8.25 12.16 33.42
CA THR B 98 8.70 13.17 34.34
C THR B 98 7.57 13.56 35.29
N GLY B 99 6.36 13.16 34.93
CA GLY B 99 5.17 13.50 35.69
C GLY B 99 5.27 13.18 37.16
N TYR B 100 5.73 11.99 37.48
CA TYR B 100 5.98 11.59 38.86
C TYR B 100 6.82 10.33 38.91
#